data_2RC2
#
_entry.id   2RC2
#
_cell.length_a   51.039
_cell.length_b   75.511
_cell.length_c   106.928
_cell.angle_alpha   90.00
_cell.angle_beta   90.00
_cell.angle_gamma   90.00
#
_symmetry.space_group_name_H-M   'P 21 21 21'
#
loop_
_entity.id
_entity.type
_entity.pdbx_description
1 polymer 'Cytochrome C Peroxidase'
2 non-polymer 'PROTOPORPHYRIN IX CONTAINING FE'
3 non-polymer 2-ethenyl-1-methylpyridinium
4 water water
#
_entity_poly.entity_id   1
_entity_poly.type   'polypeptide(L)'
_entity_poly.pdbx_seq_one_letter_code
;TLVHVASVEKGRSYEDFQKVYNAIALKLREDDEYDNYIGYGPVLVRLAWHISGTWDKHDNTGGSYGGTYRFKKEFNDPSN
AGLQNGFKFLEPIHKEFPWISSGDLFSLGGVTAVQEMQGPKIPWRCGRVDTPEDTTPDNGRLPDADKDAGYVRTFFQRLN
MNDREVVALMGAHALGKTHLKNSGYEGPGGAANNVFTNEFYLNLLNEDWKLEKNDANNEQWDSKSGYMMLPTDYSLIQDP
KYLSIVKEYANDQDKFFKDFSKAFEKLLEDGITFPKDAPSPFIFKTLEEQGL
;
_entity_poly.pdbx_strand_id   X
#
loop_
_chem_comp.id
_chem_comp.type
_chem_comp.name
_chem_comp.formula
286 non-polymer 2-ethenyl-1-methylpyridinium 'C8 H10 N 1'
HEM non-polymer 'PROTOPORPHYRIN IX CONTAINING FE' 'C34 H32 Fe N4 O4'
#
# COMPACT_ATOMS: atom_id res chain seq x y z
N THR A 1 -9.88 -18.21 16.19
CA THR A 1 -9.09 -17.67 15.07
C THR A 1 -9.40 -18.48 13.80
N LEU A 2 -9.94 -17.78 12.84
CA LEU A 2 -10.23 -18.29 11.50
C LEU A 2 -8.94 -18.76 10.84
N VAL A 3 -9.03 -19.82 10.05
CA VAL A 3 -7.90 -20.26 9.24
C VAL A 3 -8.24 -20.04 7.75
N HIS A 4 -7.34 -19.35 7.06
CA HIS A 4 -7.48 -19.14 5.60
C HIS A 4 -6.28 -19.80 4.91
N VAL A 5 -6.52 -20.93 4.25
CA VAL A 5 -5.44 -21.66 3.61
C VAL A 5 -5.31 -21.23 2.14
N ALA A 6 -4.10 -20.82 1.76
CA ALA A 6 -3.84 -20.44 0.37
C ALA A 6 -4.10 -21.62 -0.54
N SER A 7 -4.85 -21.37 -1.61
CA SER A 7 -5.20 -22.40 -2.59
C SER A 7 -4.91 -21.84 -3.98
N VAL A 8 -3.91 -22.41 -4.63
CA VAL A 8 -3.45 -21.92 -5.94
C VAL A 8 -4.58 -22.02 -6.96
N GLU A 9 -4.81 -20.93 -7.68
CA GLU A 9 -5.80 -20.94 -8.77
C GLU A 9 -5.51 -22.13 -9.69
N LYS A 10 -6.55 -22.91 -10.02
CA LYS A 10 -6.32 -24.24 -10.58
C LYS A 10 -5.40 -24.26 -11.80
N GLY A 11 -4.29 -24.98 -11.68
CA GLY A 11 -3.37 -25.19 -12.79
C GLY A 11 -2.44 -24.04 -13.09
N ARG A 12 -2.54 -22.95 -12.32
CA ARG A 12 -1.75 -21.74 -12.62
C ARG A 12 -0.34 -21.80 -12.02
N SER A 13 0.58 -21.10 -12.68
CA SER A 13 1.97 -21.06 -12.24
C SER A 13 2.54 -19.67 -12.48
N TYR A 14 3.83 -19.51 -12.22
CA TYR A 14 4.50 -18.20 -12.32
C TYR A 14 4.15 -17.46 -13.60
N GLU A 15 4.19 -18.13 -14.73
CA GLU A 15 3.97 -17.47 -16.00
C GLU A 15 2.58 -16.86 -16.09
N ASP A 16 1.57 -17.51 -15.53
CA ASP A 16 0.23 -16.96 -15.55
C ASP A 16 0.20 -15.62 -14.81
N PHE A 17 0.84 -15.59 -13.65
CA PHE A 17 0.83 -14.38 -12.85
C PHE A 17 1.70 -13.28 -13.43
N GLN A 18 2.80 -13.66 -14.09
CA GLN A 18 3.62 -12.67 -14.81
C GLN A 18 2.80 -12.01 -15.91
N LYS A 19 1.90 -12.76 -16.56
CA LYS A 19 1.01 -12.19 -17.57
CA LYS A 19 1.04 -12.17 -17.57
C LYS A 19 0.08 -11.14 -16.96
N VAL A 20 -0.46 -11.44 -15.78
CA VAL A 20 -1.34 -10.49 -15.08
C VAL A 20 -0.55 -9.23 -14.66
N TYR A 21 0.63 -9.45 -14.05
CA TYR A 21 1.57 -8.36 -13.73
C TYR A 21 1.79 -7.49 -14.97
N ASN A 22 2.10 -8.13 -16.10
CA ASN A 22 2.39 -7.38 -17.32
C ASN A 22 1.20 -6.55 -17.80
N ALA A 23 0.00 -7.11 -17.71
CA ALA A 23 -1.19 -6.38 -18.12
C ALA A 23 -1.41 -5.14 -17.22
N ILE A 24 -1.22 -5.32 -15.92
CA ILE A 24 -1.33 -4.19 -14.99
C ILE A 24 -0.27 -3.13 -15.31
N ALA A 25 0.97 -3.58 -15.53
CA ALA A 25 2.09 -2.69 -15.79
C ALA A 25 1.93 -1.92 -17.12
N LEU A 26 1.42 -2.59 -18.13
CA LEU A 26 1.16 -1.94 -19.42
C LEU A 26 0.06 -0.89 -19.31
N LYS A 27 -0.96 -1.19 -18.50
CA LYS A 27 -2.06 -0.26 -18.32
C LYS A 27 -1.61 0.94 -17.47
N LEU A 28 -0.70 0.69 -16.53
CA LEU A 28 -0.09 1.79 -15.76
C LEU A 28 0.63 2.77 -16.68
N ARG A 29 1.36 2.24 -17.65
CA ARG A 29 2.08 3.04 -18.63
C ARG A 29 1.08 3.77 -19.54
N GLU A 30 0.02 3.07 -19.96
CA GLU A 30 -0.98 3.62 -20.89
C GLU A 30 -1.79 4.78 -20.30
N ASP A 31 -2.31 4.57 -19.08
CA ASP A 31 -3.22 5.51 -18.44
C ASP A 31 -2.47 6.55 -17.61
N ASP A 32 -1.58 7.27 -18.29
CA ASP A 32 -0.64 8.17 -17.63
C ASP A 32 -1.24 9.50 -17.13
N GLU A 33 -2.41 9.86 -17.64
CA GLU A 33 -3.01 11.18 -17.38
C GLU A 33 -3.60 11.30 -15.96
N TYR A 34 -3.96 10.15 -15.37
CA TYR A 34 -4.70 10.10 -14.14
C TYR A 34 -4.08 10.95 -13.03
N ASP A 35 -4.94 11.69 -12.34
CA ASP A 35 -4.54 12.52 -11.19
C ASP A 35 -3.40 13.48 -11.54
N ASN A 36 -3.65 14.32 -12.54
CA ASN A 36 -2.66 15.27 -13.02
C ASN A 36 -1.31 14.66 -13.33
N TYR A 37 -1.35 13.54 -14.05
CA TYR A 37 -0.18 12.83 -14.54
C TYR A 37 0.68 12.15 -13.47
N ILE A 38 0.09 11.96 -12.29
CA ILE A 38 0.71 11.06 -11.32
C ILE A 38 0.62 9.62 -11.82
N GLY A 39 -0.49 9.29 -12.48
CA GLY A 39 -0.74 7.92 -12.90
C GLY A 39 -1.31 7.11 -11.75
N TYR A 40 -1.66 5.85 -12.04
CA TYR A 40 -2.39 5.02 -11.09
C TYR A 40 -1.52 4.26 -10.07
N GLY A 41 -0.20 4.40 -10.16
CA GLY A 41 0.68 3.64 -9.26
C GLY A 41 0.37 3.85 -7.78
N PRO A 42 0.43 5.12 -7.33
CA PRO A 42 0.17 5.36 -5.91
C PRO A 42 -1.18 4.84 -5.41
N VAL A 43 -2.27 5.08 -6.15
CA VAL A 43 -3.56 4.62 -5.69
C VAL A 43 -3.64 3.08 -5.63
N LEU A 44 -2.90 2.39 -6.51
CA LEU A 44 -2.90 0.92 -6.46
C LEU A 44 -2.14 0.42 -5.23
N VAL A 45 -1.09 1.14 -4.85
CA VAL A 45 -0.36 0.81 -3.63
C VAL A 45 -1.28 1.02 -2.42
N ARG A 46 -1.98 2.12 -2.38
CA ARG A 46 -2.90 2.36 -1.32
C ARG A 46 -4.02 1.32 -1.23
N LEU A 47 -4.52 0.94 -2.39
CA LEU A 47 -5.55 -0.10 -2.43
C LEU A 47 -5.01 -1.40 -1.82
N ALA A 48 -3.82 -1.82 -2.22
CA ALA A 48 -3.27 -3.08 -1.67
C ALA A 48 -3.11 -3.02 -0.16
N TRP A 49 -2.68 -1.87 0.34
CA TRP A 49 -2.57 -1.67 1.79
C TRP A 49 -3.93 -1.67 2.48
N HIS A 50 -4.90 -0.95 1.94
CA HIS A 50 -6.20 -0.87 2.60
C HIS A 50 -6.97 -2.19 2.62
N ILE A 51 -6.79 -3.02 1.59
CA ILE A 51 -7.46 -4.33 1.60
C ILE A 51 -6.80 -5.30 2.59
N SER A 52 -5.54 -5.02 2.90
CA SER A 52 -4.77 -5.82 3.86
C SER A 52 -4.88 -5.30 5.29
N GLY A 53 -5.01 -3.99 5.43
CA GLY A 53 -4.93 -3.31 6.73
C GLY A 53 -6.17 -3.44 7.60
N THR A 54 -7.19 -4.13 7.10
CA THR A 54 -8.37 -4.46 7.90
C THR A 54 -8.12 -5.66 8.82
N TRP A 55 -6.97 -6.31 8.64
CA TRP A 55 -6.66 -7.53 9.40
C TRP A 55 -6.63 -7.29 10.90
N ASP A 56 -7.12 -8.26 11.66
CA ASP A 56 -6.97 -8.25 13.12
C ASP A 56 -6.30 -9.55 13.53
N LYS A 57 -5.08 -9.46 14.06
CA LYS A 57 -4.31 -10.65 14.44
C LYS A 57 -5.03 -11.50 15.51
N HIS A 58 -5.92 -10.87 16.27
CA HIS A 58 -6.57 -11.55 17.40
C HIS A 58 -7.53 -12.64 16.98
N ASP A 59 -8.21 -12.45 15.85
CA ASP A 59 -9.23 -13.41 15.44
C ASP A 59 -9.15 -13.75 13.94
N ASN A 60 -8.12 -13.22 13.28
CA ASN A 60 -7.93 -13.38 11.84
C ASN A 60 -9.12 -12.95 10.99
N THR A 61 -9.84 -11.92 11.45
CA THR A 61 -10.85 -11.27 10.64
C THR A 61 -10.17 -10.24 9.72
N GLY A 62 -10.86 -9.81 8.67
CA GLY A 62 -10.27 -8.89 7.70
C GLY A 62 -9.10 -9.52 6.96
N GLY A 63 -8.22 -8.68 6.45
CA GLY A 63 -7.05 -9.15 5.70
C GLY A 63 -7.32 -9.32 4.21
N SER A 64 -6.24 -9.47 3.45
CA SER A 64 -6.34 -9.54 1.98
C SER A 64 -7.01 -10.80 1.43
N TYR A 65 -7.01 -11.88 2.21
CA TYR A 65 -7.39 -13.20 1.67
C TYR A 65 -8.72 -13.21 0.94
N GLY A 66 -9.76 -12.66 1.56
CA GLY A 66 -11.13 -12.86 1.08
C GLY A 66 -11.58 -11.98 -0.06
N GLY A 67 -10.76 -10.99 -0.44
CA GLY A 67 -11.14 -10.09 -1.53
C GLY A 67 -12.40 -9.28 -1.25
N THR A 68 -12.64 -8.98 0.02
CA THR A 68 -13.94 -8.44 0.45
C THR A 68 -14.17 -6.96 0.08
N TYR A 69 -13.12 -6.27 -0.38
CA TYR A 69 -13.26 -4.91 -0.87
C TYR A 69 -14.29 -4.82 -2.00
N ARG A 70 -14.51 -5.94 -2.70
CA ARG A 70 -15.52 -5.96 -3.77
C ARG A 70 -16.95 -5.76 -3.27
N PHE A 71 -17.16 -5.89 -1.96
CA PHE A 71 -18.50 -5.74 -1.36
C PHE A 71 -18.74 -4.34 -0.85
N LYS A 72 -19.98 -3.88 -0.99
CA LYS A 72 -20.32 -2.47 -0.74
C LYS A 72 -19.93 -1.93 0.62
N LYS A 73 -20.08 -2.72 1.67
CA LYS A 73 -19.75 -2.22 3.01
C LYS A 73 -18.30 -1.72 3.02
N GLU A 74 -17.40 -2.52 2.47
CA GLU A 74 -15.97 -2.18 2.46
C GLU A 74 -15.61 -1.13 1.41
N PHE A 75 -16.11 -1.24 0.19
N PHE A 75 -16.16 -1.24 0.21
CA PHE A 75 -15.72 -0.22 -0.79
CA PHE A 75 -15.91 -0.33 -0.87
C PHE A 75 -16.33 1.16 -0.47
C PHE A 75 -16.33 1.09 -0.46
N ASN A 76 -17.40 1.17 0.32
CA ASN A 76 -17.95 2.44 0.79
C ASN A 76 -17.40 2.92 2.15
N ASP A 77 -16.44 2.20 2.72
CA ASP A 77 -15.76 2.66 3.94
C ASP A 77 -15.24 4.07 3.67
N PRO A 78 -15.61 5.06 4.53
CA PRO A 78 -15.03 6.40 4.35
C PRO A 78 -13.49 6.40 4.30
N SER A 79 -12.86 5.46 5.02
CA SER A 79 -11.41 5.33 4.97
C SER A 79 -10.87 4.95 3.59
N ASN A 80 -11.75 4.41 2.75
CA ASN A 80 -11.40 3.95 1.41
C ASN A 80 -11.78 4.92 0.28
N ALA A 81 -12.19 6.14 0.64
CA ALA A 81 -12.62 7.10 -0.37
C ALA A 81 -11.50 7.39 -1.34
N GLY A 82 -11.80 7.25 -2.63
CA GLY A 82 -10.82 7.44 -3.69
C GLY A 82 -10.27 6.13 -4.26
N LEU A 83 -10.37 5.05 -3.50
CA LEU A 83 -9.81 3.76 -3.94
C LEU A 83 -10.63 3.14 -5.07
N GLN A 84 -11.86 3.62 -5.25
CA GLN A 84 -12.70 3.18 -6.36
C GLN A 84 -12.00 3.39 -7.69
N ASN A 85 -11.14 4.41 -7.76
CA ASN A 85 -10.32 4.64 -8.94
C ASN A 85 -9.38 3.48 -9.23
N GLY A 86 -8.80 2.91 -8.18
CA GLY A 86 -7.91 1.75 -8.33
C GLY A 86 -8.70 0.53 -8.74
N PHE A 87 -9.87 0.35 -8.13
CA PHE A 87 -10.72 -0.77 -8.46
C PHE A 87 -11.15 -0.71 -9.93
N LYS A 88 -11.55 0.48 -10.39
CA LYS A 88 -11.96 0.65 -11.79
C LYS A 88 -10.81 0.37 -12.76
N PHE A 89 -9.59 0.78 -12.39
CA PHE A 89 -8.40 0.47 -13.16
C PHE A 89 -8.22 -1.06 -13.30
N LEU A 90 -8.45 -1.78 -12.21
CA LEU A 90 -8.24 -3.22 -12.21
C LEU A 90 -9.36 -4.03 -12.86
N GLU A 91 -10.54 -3.43 -13.03
CA GLU A 91 -11.68 -4.14 -13.62
C GLU A 91 -11.36 -4.80 -14.97
N PRO A 92 -10.81 -4.05 -15.94
CA PRO A 92 -10.48 -4.72 -17.22
C PRO A 92 -9.44 -5.81 -17.10
N ILE A 93 -8.53 -5.67 -16.14
CA ILE A 93 -7.53 -6.73 -15.89
C ILE A 93 -8.27 -7.98 -15.41
N HIS A 94 -9.20 -7.82 -14.47
CA HIS A 94 -9.92 -8.97 -13.96
C HIS A 94 -10.74 -9.62 -15.06
N LYS A 95 -11.32 -8.82 -15.95
CA LYS A 95 -12.11 -9.33 -17.06
CA LYS A 95 -12.12 -9.35 -17.05
C LYS A 95 -11.25 -10.17 -18.01
N GLU A 96 -10.02 -9.72 -18.24
CA GLU A 96 -9.10 -10.46 -19.10
C GLU A 96 -8.61 -11.75 -18.43
N PHE A 97 -8.45 -11.71 -17.12
CA PHE A 97 -7.95 -12.87 -16.36
C PHE A 97 -8.95 -13.23 -15.28
N PRO A 98 -10.12 -13.77 -15.67
CA PRO A 98 -11.20 -13.96 -14.70
C PRO A 98 -10.89 -15.03 -13.66
N TRP A 99 -9.85 -15.82 -13.93
CA TRP A 99 -9.42 -16.90 -13.04
C TRP A 99 -8.71 -16.44 -11.78
N ILE A 100 -8.20 -15.20 -11.76
CA ILE A 100 -7.48 -14.73 -10.57
C ILE A 100 -8.48 -14.31 -9.49
N SER A 101 -8.16 -14.60 -8.22
CA SER A 101 -9.04 -14.19 -7.14
C SER A 101 -8.95 -12.67 -6.95
N SER A 102 -9.94 -12.10 -6.27
CA SER A 102 -9.96 -10.67 -6.06
C SER A 102 -8.80 -10.24 -5.15
N GLY A 103 -8.59 -10.96 -4.05
CA GLY A 103 -7.48 -10.64 -3.16
C GLY A 103 -6.13 -10.74 -3.85
N ASP A 104 -5.94 -11.77 -4.68
CA ASP A 104 -4.70 -11.88 -5.44
C ASP A 104 -4.54 -10.71 -6.39
N LEU A 105 -5.62 -10.33 -7.08
CA LEU A 105 -5.54 -9.17 -7.98
C LEU A 105 -5.22 -7.86 -7.26
N PHE A 106 -5.93 -7.57 -6.16
CA PHE A 106 -5.71 -6.30 -5.46
C PHE A 106 -4.28 -6.22 -4.91
N SER A 107 -3.82 -7.31 -4.30
CA SER A 107 -2.47 -7.32 -3.75
C SER A 107 -1.41 -7.28 -4.86
N LEU A 108 -1.63 -8.01 -5.95
CA LEU A 108 -0.70 -7.99 -7.07
C LEU A 108 -0.64 -6.59 -7.71
N GLY A 109 -1.77 -5.89 -7.73
CA GLY A 109 -1.76 -4.50 -8.20
C GLY A 109 -0.77 -3.63 -7.44
N GLY A 110 -0.73 -3.79 -6.11
CA GLY A 110 0.22 -3.04 -5.28
C GLY A 110 1.68 -3.41 -5.56
N VAL A 111 1.95 -4.72 -5.65
CA VAL A 111 3.30 -5.19 -5.97
C VAL A 111 3.75 -4.63 -7.33
N THR A 112 2.87 -4.74 -8.32
CA THR A 112 3.19 -4.27 -9.68
C THR A 112 3.48 -2.78 -9.67
N ALA A 113 2.62 -2.02 -9.00
CA ALA A 113 2.82 -0.57 -8.92
C ALA A 113 4.18 -0.23 -8.27
N VAL A 114 4.48 -0.83 -7.11
CA VAL A 114 5.77 -0.53 -6.47
C VAL A 114 6.94 -0.81 -7.42
N GLN A 115 6.94 -1.99 -8.05
CA GLN A 115 8.06 -2.36 -8.91
C GLN A 115 8.16 -1.49 -10.14
N GLU A 116 7.01 -1.18 -10.75
CA GLU A 116 7.04 -0.39 -11.98
C GLU A 116 7.45 1.05 -11.70
N MET A 117 7.20 1.52 -10.49
CA MET A 117 7.63 2.86 -10.04
C MET A 117 9.10 2.86 -9.55
N GLN A 118 9.84 1.81 -9.89
CA GLN A 118 11.27 1.69 -9.61
C GLN A 118 11.56 1.39 -8.14
N GLY A 119 10.56 0.85 -7.45
CA GLY A 119 10.75 0.42 -6.06
C GLY A 119 11.47 -0.92 -5.97
N PRO A 120 11.54 -1.47 -4.75
CA PRO A 120 12.18 -2.79 -4.59
C PRO A 120 11.32 -3.89 -5.20
N LYS A 121 11.95 -5.02 -5.51
CA LYS A 121 11.20 -6.25 -5.81
CA LYS A 121 11.17 -6.20 -5.83
C LYS A 121 10.43 -6.63 -4.57
N ILE A 122 9.17 -7.00 -4.74
CA ILE A 122 8.32 -7.49 -3.65
C ILE A 122 7.92 -8.93 -4.00
N PRO A 123 8.49 -9.93 -3.31
CA PRO A 123 8.02 -11.30 -3.57
C PRO A 123 6.53 -11.38 -3.26
N TRP A 124 5.81 -12.19 -4.05
CA TRP A 124 4.36 -12.24 -3.95
C TRP A 124 3.91 -13.68 -4.09
N ARG A 125 2.94 -14.06 -3.26
CA ARG A 125 2.41 -15.42 -3.26
C ARG A 125 0.95 -15.40 -3.69
N CYS A 126 0.57 -16.37 -4.52
CA CYS A 126 -0.82 -16.50 -4.92
C CYS A 126 -1.61 -17.36 -3.94
N GLY A 127 -2.93 -17.41 -4.13
CA GLY A 127 -3.74 -18.38 -3.41
C GLY A 127 -4.80 -17.81 -2.49
N ARG A 128 -4.97 -16.49 -2.47
CA ARG A 128 -6.11 -15.89 -1.78
C ARG A 128 -7.38 -16.39 -2.46
N VAL A 129 -8.41 -16.63 -1.66
CA VAL A 129 -9.68 -17.17 -2.20
C VAL A 129 -10.81 -16.25 -1.79
N ASP A 130 -11.64 -15.86 -2.76
CA ASP A 130 -12.78 -15.00 -2.48
C ASP A 130 -13.68 -15.64 -1.43
N THR A 131 -14.05 -14.87 -0.42
CA THR A 131 -14.99 -15.31 0.61
C THR A 131 -16.31 -14.50 0.53
N PRO A 132 -17.40 -15.03 1.13
CA PRO A 132 -18.72 -14.40 0.98
C PRO A 132 -18.88 -13.03 1.62
N GLU A 133 -19.96 -12.33 1.25
CA GLU A 133 -20.23 -10.98 1.72
C GLU A 133 -20.26 -10.84 3.24
N ASP A 134 -20.73 -11.86 3.95
CA ASP A 134 -20.80 -11.80 5.41
C ASP A 134 -19.43 -11.89 6.11
N THR A 135 -18.36 -12.10 5.35
CA THR A 135 -17.00 -12.11 5.90
C THR A 135 -16.34 -10.73 5.79
N THR A 136 -17.04 -9.77 5.17
CA THR A 136 -16.52 -8.41 5.02
C THR A 136 -16.37 -7.76 6.39
N PRO A 137 -15.18 -7.20 6.70
CA PRO A 137 -15.00 -6.55 7.99
C PRO A 137 -15.75 -5.22 8.04
N ASP A 138 -16.23 -4.85 9.23
CA ASP A 138 -16.88 -3.55 9.41
C ASP A 138 -15.89 -2.42 9.16
N ASN A 139 -16.43 -1.25 8.79
CA ASN A 139 -15.63 -0.02 8.68
C ASN A 139 -14.98 0.32 10.01
N GLY A 140 -13.87 1.04 9.96
CA GLY A 140 -13.27 1.61 11.16
C GLY A 140 -11.99 0.92 11.61
N ARG A 141 -11.51 -0.02 10.81
CA ARG A 141 -10.28 -0.76 11.13
C ARG A 141 -9.03 -0.13 10.54
N LEU A 142 -9.20 0.84 9.65
CA LEU A 142 -8.07 1.55 9.05
C LEU A 142 -7.72 2.78 9.90
N PRO A 143 -6.46 3.24 9.84
CA PRO A 143 -6.02 4.25 10.82
C PRO A 143 -6.43 5.70 10.53
N ASP A 144 -6.61 6.47 11.60
CA ASP A 144 -6.82 7.93 11.54
C ASP A 144 -5.49 8.65 11.31
N ALA A 145 -5.55 9.79 10.66
CA ALA A 145 -4.35 10.56 10.29
C ALA A 145 -4.05 11.72 11.25
N ASP A 146 -4.99 12.03 12.14
CA ASP A 146 -4.89 13.24 12.99
C ASP A 146 -4.22 13.00 14.34
N LYS A 147 -3.63 11.82 14.49
CA LYS A 147 -3.18 11.29 15.78
C LYS A 147 -1.66 11.33 15.94
N ASP A 148 -1.17 10.85 17.09
CA ASP A 148 0.24 10.96 17.46
C ASP A 148 0.97 9.62 17.38
N ALA A 149 2.23 9.62 17.78
CA ALA A 149 3.08 8.44 17.62
C ALA A 149 2.56 7.25 18.43
N GLY A 150 2.05 7.52 19.64
CA GLY A 150 1.51 6.45 20.47
C GLY A 150 0.32 5.76 19.82
N TYR A 151 -0.53 6.56 19.14
CA TYR A 151 -1.66 6.01 18.40
C TYR A 151 -1.16 5.10 17.27
N VAL A 152 -0.17 5.58 16.51
CA VAL A 152 0.39 4.81 15.39
C VAL A 152 0.97 3.49 15.87
N ARG A 153 1.75 3.56 16.95
CA ARG A 153 2.40 2.36 17.50
C ARG A 153 1.37 1.32 17.94
N THR A 154 0.39 1.75 18.71
CA THR A 154 -0.65 0.85 19.16
C THR A 154 -1.47 0.31 17.98
N PHE A 155 -1.82 1.19 17.04
CA PHE A 155 -2.62 0.77 15.89
C PHE A 155 -1.96 -0.41 15.18
N PHE A 156 -0.67 -0.27 14.88
CA PHE A 156 0.04 -1.26 14.08
C PHE A 156 0.31 -2.57 14.83
N GLN A 157 0.23 -2.57 16.16
CA GLN A 157 0.33 -3.84 16.90
C GLN A 157 -0.78 -4.81 16.46
N ARG A 158 -1.93 -4.27 16.06
CA ARG A 158 -3.05 -5.13 15.63
C ARG A 158 -2.71 -5.87 14.34
N LEU A 159 -1.82 -5.27 13.55
CA LEU A 159 -1.33 -5.84 12.28
C LEU A 159 0.00 -6.57 12.47
N ASN A 160 0.39 -6.77 13.73
CA ASN A 160 1.63 -7.44 14.08
C ASN A 160 2.87 -6.78 13.46
N MET A 161 2.87 -5.45 13.43
CA MET A 161 4.03 -4.70 12.92
C MET A 161 4.75 -4.01 14.07
N ASN A 162 6.08 -4.08 14.07
CA ASN A 162 6.91 -3.42 15.08
C ASN A 162 7.35 -2.03 14.60
N ASP A 163 8.17 -1.33 15.39
CA ASP A 163 8.54 0.05 15.05
C ASP A 163 9.21 0.14 13.68
N ARG A 164 10.17 -0.75 13.42
CA ARG A 164 10.89 -0.73 12.15
CA ARG A 164 10.89 -0.72 12.15
C ARG A 164 9.95 -0.98 10.96
N GLU A 165 9.03 -1.94 11.13
CA GLU A 165 8.08 -2.26 10.07
C GLU A 165 7.14 -1.10 9.80
N VAL A 166 6.68 -0.43 10.87
CA VAL A 166 5.83 0.76 10.73
C VAL A 166 6.56 1.87 9.98
N VAL A 167 7.77 2.19 10.41
CA VAL A 167 8.49 3.30 9.77
C VAL A 167 8.79 2.96 8.31
N ALA A 168 9.15 1.70 8.03
CA ALA A 168 9.41 1.28 6.65
C ALA A 168 8.15 1.41 5.81
N LEU A 169 7.04 0.87 6.32
CA LEU A 169 5.80 0.93 5.53
C LEU A 169 5.41 2.37 5.22
N MET A 170 5.61 3.27 6.18
CA MET A 170 5.16 4.65 5.99
C MET A 170 5.92 5.36 4.89
N GLY A 171 7.06 4.81 4.49
CA GLY A 171 7.83 5.37 3.38
C GLY A 171 7.04 5.41 2.07
N ALA A 172 6.00 4.60 1.97
CA ALA A 172 5.09 4.69 0.81
C ALA A 172 4.44 6.05 0.67
N HIS A 173 4.43 6.85 1.75
CA HIS A 173 3.93 8.22 1.69
C HIS A 173 4.85 9.19 0.95
N ALA A 174 5.93 8.69 0.35
CA ALA A 174 6.61 9.42 -0.73
C ALA A 174 5.71 9.55 -1.96
N LEU A 175 4.77 8.61 -2.11
CA LEU A 175 4.03 8.46 -3.37
C LEU A 175 2.75 9.27 -3.42
N GLY A 176 2.37 9.73 -4.62
CA GLY A 176 1.04 10.30 -4.83
C GLY A 176 0.78 11.54 -3.97
N LYS A 177 -0.45 11.65 -3.49
CA LYS A 177 -0.84 12.85 -2.75
C LYS A 177 -2.08 12.59 -1.92
N THR A 178 -2.37 13.55 -1.05
CA THR A 178 -3.63 13.58 -0.34
C THR A 178 -4.59 14.45 -1.16
N HIS A 179 -5.88 14.10 -1.11
CA HIS A 179 -6.91 14.80 -1.88
C HIS A 179 -7.99 15.25 -0.90
N LEU A 180 -8.28 16.56 -0.88
CA LEU A 180 -9.19 17.09 0.14
C LEU A 180 -10.55 16.36 0.17
N LYS A 181 -11.08 16.02 -1.00
CA LYS A 181 -12.35 15.38 -1.07
C LYS A 181 -12.39 13.93 -0.60
N ASN A 182 -11.24 13.29 -0.62
CA ASN A 182 -11.14 11.92 -0.14
C ASN A 182 -10.97 11.84 1.37
N SER A 183 -10.04 12.63 1.92
CA SER A 183 -9.57 12.40 3.28
C SER A 183 -9.55 13.64 4.15
N GLY A 184 -9.81 14.81 3.57
CA GLY A 184 -9.76 16.05 4.36
C GLY A 184 -8.34 16.56 4.54
N TYR A 185 -7.42 16.07 3.70
CA TYR A 185 -6.03 16.55 3.64
C TYR A 185 -5.70 16.88 2.20
N GLU A 186 -4.82 17.84 1.97
CA GLU A 186 -4.48 18.23 0.60
C GLU A 186 -3.00 18.40 0.37
N GLY A 187 -2.54 17.85 -0.75
CA GLY A 187 -1.18 18.08 -1.21
C GLY A 187 -0.32 16.84 -1.20
N PRO A 188 0.84 16.89 -1.85
CA PRO A 188 1.36 18.00 -2.64
C PRO A 188 0.62 18.18 -3.95
N GLY A 189 0.80 19.33 -4.59
CA GLY A 189 0.33 19.56 -5.94
C GLY A 189 1.45 19.26 -6.91
N GLY A 190 2.18 20.32 -7.28
CA GLY A 190 3.30 20.20 -8.21
C GLY A 190 4.47 19.37 -7.72
N ALA A 191 4.52 19.12 -6.42
CA ALA A 191 5.61 18.38 -5.79
C ALA A 191 5.32 16.88 -5.63
N ALA A 192 4.21 16.42 -6.21
CA ALA A 192 3.82 14.99 -6.15
C ALA A 192 4.78 14.10 -6.95
N ASN A 193 4.89 12.85 -6.54
CA ASN A 193 5.83 11.89 -7.15
C ASN A 193 5.23 10.48 -7.42
N ASN A 194 5.68 9.90 -8.53
CA ASN A 194 5.29 8.55 -8.91
C ASN A 194 6.50 7.65 -9.13
N VAL A 195 7.59 7.99 -8.45
CA VAL A 195 8.80 7.17 -8.42
C VAL A 195 9.05 6.82 -6.95
N PHE A 196 9.30 5.53 -6.71
CA PHE A 196 9.47 5.02 -5.35
C PHE A 196 10.91 5.26 -4.89
N THR A 197 11.10 6.12 -3.89
CA THR A 197 12.42 6.38 -3.31
C THR A 197 12.25 6.55 -1.82
N ASN A 198 13.35 6.86 -1.12
CA ASN A 198 13.31 7.16 0.31
C ASN A 198 13.06 8.64 0.60
N GLU A 199 12.46 9.35 -0.35
CA GLU A 199 12.17 10.80 -0.24
CA GLU A 199 12.27 10.80 -0.17
C GLU A 199 11.38 11.17 1.02
N PHE A 200 10.49 10.28 1.44
CA PHE A 200 9.61 10.58 2.61
C PHE A 200 10.49 10.96 3.82
N TYR A 201 11.54 10.16 4.05
CA TYR A 201 12.42 10.34 5.21
C TYR A 201 13.28 11.58 5.08
N LEU A 202 13.80 11.80 3.87
CA LEU A 202 14.58 12.99 3.60
C LEU A 202 13.72 14.23 3.82
N ASN A 203 12.49 14.22 3.33
CA ASN A 203 11.60 15.37 3.51
C ASN A 203 11.31 15.60 5.00
N LEU A 204 11.02 14.53 5.74
CA LEU A 204 10.75 14.68 7.17
C LEU A 204 11.89 15.42 7.86
N LEU A 205 13.12 15.02 7.56
CA LEU A 205 14.30 15.56 8.26
C LEU A 205 14.75 16.91 7.76
N ASN A 206 14.54 17.19 6.47
CA ASN A 206 15.22 18.32 5.82
C ASN A 206 14.35 19.54 5.56
N GLU A 207 13.04 19.35 5.51
CA GLU A 207 12.11 20.46 5.22
C GLU A 207 11.84 21.28 6.48
N ASP A 208 11.48 22.55 6.27
CA ASP A 208 11.06 23.44 7.34
C ASP A 208 9.54 23.34 7.44
N TRP A 209 9.07 22.52 8.37
CA TRP A 209 7.64 22.21 8.48
C TRP A 209 6.88 23.22 9.33
N LYS A 210 5.73 23.64 8.84
CA LYS A 210 4.84 24.57 9.56
C LYS A 210 3.48 23.91 9.75
N LEU A 211 2.96 23.95 10.98
CA LEU A 211 1.67 23.36 11.29
C LEU A 211 0.57 24.33 10.86
N GLU A 212 -0.18 23.94 9.83
CA GLU A 212 -1.19 24.82 9.23
C GLU A 212 -2.55 24.13 9.23
N LYS A 213 -3.61 24.91 9.01
CA LYS A 213 -4.93 24.35 8.75
C LYS A 213 -5.23 24.39 7.27
N ASN A 214 -5.71 23.27 6.74
CA ASN A 214 -6.10 23.21 5.34
C ASN A 214 -7.55 23.66 5.15
N ASP A 215 -8.06 23.58 3.93
CA ASP A 215 -9.40 24.13 3.62
C ASP A 215 -10.54 23.29 4.20
N ALA A 216 -10.22 22.11 4.73
CA ALA A 216 -11.20 21.27 5.41
C ALA A 216 -11.14 21.46 6.92
N ASN A 217 -10.36 22.46 7.36
CA ASN A 217 -10.21 22.81 8.78
C ASN A 217 -9.48 21.74 9.59
N ASN A 218 -8.65 20.94 8.91
CA ASN A 218 -7.78 19.98 9.57
C ASN A 218 -6.33 20.44 9.56
N GLU A 219 -5.61 20.12 10.63
CA GLU A 219 -4.19 20.44 10.68
C GLU A 219 -3.33 19.46 9.87
N GLN A 220 -2.33 20.02 9.21
CA GLN A 220 -1.31 19.23 8.53
C GLN A 220 -0.03 20.05 8.51
N TRP A 221 1.10 19.38 8.27
CA TRP A 221 2.38 20.04 8.25
C TRP A 221 2.75 20.36 6.80
N ASP A 222 3.07 21.62 6.54
CA ASP A 222 3.38 22.06 5.18
C ASP A 222 4.75 22.71 5.11
N SER A 223 5.41 22.59 3.95
CA SER A 223 6.69 23.26 3.75
C SER A 223 6.62 24.25 2.59
N LYS A 224 7.53 25.22 2.57
CA LYS A 224 7.62 26.21 1.49
C LYS A 224 7.85 25.55 0.12
N SER A 225 8.46 24.38 0.12
CA SER A 225 8.73 23.61 -1.11
C SER A 225 7.46 23.02 -1.73
N GLY A 226 6.34 23.10 -1.00
CA GLY A 226 5.06 22.55 -1.45
C GLY A 226 4.81 21.11 -1.04
N TYR A 227 5.58 20.64 -0.06
CA TYR A 227 5.37 19.29 0.48
CA TYR A 227 5.38 19.30 0.49
C TYR A 227 4.42 19.36 1.68
N MET A 228 3.80 18.23 1.99
CA MET A 228 2.98 18.13 3.18
C MET A 228 3.27 16.82 3.90
N MET A 229 2.93 16.79 5.18
CA MET A 229 2.95 15.58 6.00
C MET A 229 1.67 15.54 6.83
N LEU A 230 1.09 14.35 6.98
CA LEU A 230 -0.01 14.17 7.93
C LEU A 230 0.53 14.25 9.35
N PRO A 231 -0.34 14.57 10.33
CA PRO A 231 0.11 14.49 11.73
C PRO A 231 0.73 13.13 12.08
N THR A 232 0.16 12.04 11.58
CA THR A 232 0.75 10.72 11.84
C THR A 232 2.12 10.53 11.19
N ASP A 233 2.33 11.14 10.02
CA ASP A 233 3.66 11.15 9.38
C ASP A 233 4.66 11.90 10.24
N TYR A 234 4.28 13.11 10.65
CA TYR A 234 5.16 13.96 11.44
C TYR A 234 5.49 13.31 12.79
N SER A 235 4.60 12.47 13.29
CA SER A 235 4.83 11.80 14.58
C SER A 235 6.09 10.94 14.55
N LEU A 236 6.50 10.52 13.35
CA LEU A 236 7.70 9.68 13.22
C LEU A 236 8.99 10.44 13.53
N ILE A 237 8.94 11.78 13.57
CA ILE A 237 10.11 12.55 14.01
C ILE A 237 9.92 13.15 15.41
N GLN A 238 8.71 13.02 15.95
CA GLN A 238 8.42 13.48 17.30
C GLN A 238 8.79 12.41 18.33
N ASP A 239 8.62 11.15 17.96
CA ASP A 239 8.94 10.04 18.85
C ASP A 239 10.41 9.64 18.67
N PRO A 240 11.19 9.55 19.77
CA PRO A 240 12.63 9.32 19.59
C PRO A 240 12.97 7.95 18.97
N LYS A 241 12.12 6.95 19.19
CA LYS A 241 12.42 5.64 18.62
C LYS A 241 12.14 5.63 17.12
N TYR A 242 11.03 6.21 16.72
CA TYR A 242 10.74 6.35 15.30
C TYR A 242 11.80 7.22 14.61
N LEU A 243 12.22 8.29 15.30
CA LEU A 243 13.16 9.22 14.69
C LEU A 243 14.48 8.54 14.28
N SER A 244 14.99 7.65 15.14
CA SER A 244 16.22 6.95 14.83
CA SER A 244 16.25 7.01 14.80
C SER A 244 16.10 6.17 13.53
N ILE A 245 14.95 5.53 13.35
CA ILE A 245 14.72 4.70 12.16
C ILE A 245 14.52 5.57 10.92
N VAL A 246 13.80 6.68 11.07
CA VAL A 246 13.69 7.68 9.99
C VAL A 246 15.08 8.10 9.50
N LYS A 247 15.98 8.40 10.45
CA LYS A 247 17.35 8.79 10.08
C LYS A 247 18.08 7.68 9.33
N GLU A 248 17.88 6.45 9.74
CA GLU A 248 18.51 5.31 9.12
CA GLU A 248 18.51 5.31 9.09
C GLU A 248 18.05 5.21 7.62
N TYR A 249 16.76 5.25 7.42
CA TYR A 249 16.28 5.13 6.05
C TYR A 249 16.62 6.34 5.18
N ALA A 250 16.67 7.53 5.79
CA ALA A 250 17.08 8.72 5.05
C ALA A 250 18.52 8.62 4.57
N ASN A 251 19.31 7.77 5.21
CA ASN A 251 20.72 7.64 4.93
C ASN A 251 21.11 6.33 4.28
N ASP A 252 20.12 5.50 3.92
CA ASP A 252 20.44 4.21 3.32
C ASP A 252 19.31 3.71 2.45
N GLN A 253 19.37 4.06 1.18
CA GLN A 253 18.33 3.73 0.21
C GLN A 253 18.11 2.22 0.10
N ASP A 254 19.21 1.48 0.08
CA ASP A 254 19.10 0.03 -0.08
C ASP A 254 18.43 -0.61 1.13
N LYS A 255 18.82 -0.18 2.33
CA LYS A 255 18.23 -0.71 3.56
C LYS A 255 16.72 -0.43 3.59
N PHE A 256 16.34 0.79 3.22
CA PHE A 256 14.94 1.10 3.16
C PHE A 256 14.21 0.17 2.17
N PHE A 257 14.78 -0.01 0.98
CA PHE A 257 14.15 -0.88 -0.01
C PHE A 257 13.97 -2.30 0.51
N LYS A 258 15.01 -2.83 1.15
CA LYS A 258 14.96 -4.22 1.65
C LYS A 258 13.89 -4.36 2.76
N ASP A 259 13.87 -3.40 3.67
CA ASP A 259 12.94 -3.46 4.81
C ASP A 259 11.49 -3.20 4.37
N PHE A 260 11.30 -2.26 3.44
CA PHE A 260 9.97 -2.04 2.89
C PHE A 260 9.46 -3.30 2.19
N SER A 261 10.33 -3.94 1.40
CA SER A 261 9.91 -5.15 0.66
C SER A 261 9.40 -6.23 1.62
N LYS A 262 10.16 -6.47 2.68
CA LYS A 262 9.75 -7.47 3.66
C LYS A 262 8.44 -7.10 4.35
N ALA A 263 8.33 -5.83 4.78
CA ALA A 263 7.14 -5.43 5.54
C ALA A 263 5.89 -5.41 4.65
N PHE A 264 6.05 -5.01 3.40
CA PHE A 264 4.92 -4.94 2.50
C PHE A 264 4.43 -6.33 2.11
N GLU A 265 5.38 -7.25 1.84
CA GLU A 265 4.97 -8.63 1.61
C GLU A 265 4.23 -9.18 2.85
N LYS A 266 4.79 -8.93 4.04
CA LYS A 266 4.16 -9.43 5.26
C LYS A 266 2.74 -8.86 5.41
N LEU A 267 2.59 -7.55 5.17
CA LEU A 267 1.29 -6.90 5.26
C LEU A 267 0.28 -7.59 4.34
N LEU A 268 0.72 -7.85 3.11
CA LEU A 268 -0.16 -8.45 2.08
C LEU A 268 -0.48 -9.91 2.35
N GLU A 269 0.33 -10.55 3.21
CA GLU A 269 0.17 -11.97 3.51
C GLU A 269 -0.42 -12.25 4.91
N ASP A 270 -0.56 -11.22 5.74
CA ASP A 270 -1.13 -11.40 7.08
C ASP A 270 -2.46 -12.14 6.97
N GLY A 271 -2.63 -13.14 7.82
CA GLY A 271 -3.89 -13.88 7.88
C GLY A 271 -3.95 -15.14 7.03
N ILE A 272 -2.95 -15.31 6.17
CA ILE A 272 -2.94 -16.44 5.24
C ILE A 272 -1.99 -17.56 5.71
N THR A 273 -2.50 -18.79 5.71
CA THR A 273 -1.70 -19.97 5.97
C THR A 273 -1.27 -20.58 4.63
N PHE A 274 0.04 -20.66 4.43
CA PHE A 274 0.59 -21.25 3.21
C PHE A 274 1.00 -22.69 3.51
N PRO A 275 0.38 -23.65 2.79
CA PRO A 275 0.75 -25.07 2.95
C PRO A 275 2.23 -25.26 2.71
N LYS A 276 2.83 -26.26 3.36
CA LYS A 276 4.28 -26.48 3.26
C LYS A 276 4.74 -26.78 1.82
N ASP A 277 3.84 -27.32 1.01
CA ASP A 277 4.13 -27.60 -0.39
C ASP A 277 3.57 -26.56 -1.36
N ALA A 278 3.19 -25.38 -0.84
CA ALA A 278 2.79 -24.26 -1.69
C ALA A 278 3.97 -23.81 -2.54
N PRO A 279 3.72 -23.19 -3.70
CA PRO A 279 4.85 -22.68 -4.47
C PRO A 279 5.63 -21.63 -3.67
N SER A 280 6.92 -21.49 -3.95
CA SER A 280 7.71 -20.41 -3.38
C SER A 280 7.15 -19.06 -3.85
N PRO A 281 7.42 -17.99 -3.10
CA PRO A 281 7.00 -16.66 -3.57
C PRO A 281 7.57 -16.36 -4.96
N PHE A 282 6.77 -15.68 -5.77
CA PHE A 282 7.15 -15.28 -7.11
C PHE A 282 7.82 -13.91 -7.06
N ILE A 283 8.88 -13.74 -7.85
CA ILE A 283 9.45 -12.41 -8.04
C ILE A 283 9.29 -12.06 -9.51
N PHE A 284 8.39 -11.13 -9.78
CA PHE A 284 8.08 -10.77 -11.16
C PHE A 284 9.09 -9.82 -11.76
N LYS A 285 9.36 -10.03 -13.06
CA LYS A 285 10.22 -9.14 -13.80
C LYS A 285 9.45 -7.88 -14.16
N THR A 286 10.11 -6.74 -14.13
CA THR A 286 9.44 -5.51 -14.58
C THR A 286 9.31 -5.50 -16.11
N LEU A 287 8.45 -4.62 -16.63
CA LEU A 287 8.41 -4.48 -18.10
C LEU A 287 9.79 -4.15 -18.65
N GLU A 288 10.49 -3.24 -17.99
CA GLU A 288 11.83 -2.84 -18.41
C GLU A 288 12.80 -4.03 -18.47
N GLU A 289 12.77 -4.89 -17.45
CA GLU A 289 13.62 -6.08 -17.45
C GLU A 289 13.29 -7.04 -18.60
N GLN A 290 12.03 -7.03 -19.03
CA GLN A 290 11.57 -7.93 -20.10
C GLN A 290 11.75 -7.31 -21.48
N GLY A 291 12.16 -6.05 -21.53
CA GLY A 291 12.27 -5.36 -22.83
C GLY A 291 10.91 -5.07 -23.44
N LEU A 292 9.90 -4.94 -22.58
CA LEU A 292 8.53 -4.68 -22.99
C LEU A 292 8.12 -3.23 -22.71
CHA HEM B . -2.54 8.28 0.96
CHB HEM B . -3.34 8.04 5.75
CHC HEM B . -0.25 4.33 6.06
CHD HEM B . 0.12 4.19 1.24
C1A HEM B . -3.03 8.52 2.22
C2A HEM B . -4.00 9.53 2.56
C3A HEM B . -4.22 9.47 3.88
C4A HEM B . -3.38 8.42 4.42
CMA HEM B . -5.19 10.34 4.72
CAA HEM B . -4.65 10.47 1.53
CBA HEM B . -5.81 9.74 0.83
CGA HEM B . -6.40 10.69 -0.18
O1A HEM B . -6.50 10.32 -1.38
O2A HEM B . -6.78 11.83 0.21
C1B HEM B . -2.54 7.04 6.26
C2B HEM B . -2.35 6.75 7.66
C3B HEM B . -1.48 5.72 7.75
C4B HEM B . -1.11 5.34 6.39
CMB HEM B . -3.05 7.51 8.80
CAB HEM B . -0.95 5.03 9.01
CBB HEM B . -0.78 5.66 10.17
C1C HEM B . 0.06 3.91 4.78
C2C HEM B . 0.75 2.69 4.43
C3C HEM B . 0.86 2.65 3.08
C4C HEM B . 0.21 3.84 2.56
CMC HEM B . 1.26 1.64 5.44
CAC HEM B . 1.47 1.54 2.19
CBC HEM B . 2.55 0.85 2.50
C1D HEM B . -0.46 5.34 0.75
C2D HEM B . -0.32 5.81 -0.60
C3D HEM B . -1.13 7.07 -0.69
C4D HEM B . -1.71 7.26 0.62
CMD HEM B . 0.52 5.18 -1.73
CAD HEM B . -1.32 7.98 -1.92
CBD HEM B . -2.61 7.59 -2.65
CGD HEM B . -2.88 8.46 -3.86
O1D HEM B . -1.98 9.23 -4.27
O2D HEM B . -4.00 8.33 -4.40
NA HEM B . -2.67 7.85 3.38
NB HEM B . -1.77 6.17 5.51
NC HEM B . -0.28 4.57 3.63
ND HEM B . -1.28 6.23 1.47
FE HEM B . -1.46 6.23 3.51
C1N 286 C . 2.97 12.85 3.08
N1 286 C . 1.95 12.05 2.34
C2 286 C . 1.92 12.07 0.94
C3 286 C . 0.98 11.30 0.25
C21 286 C . 2.86 12.87 0.26
C22 286 C . 3.29 12.58 -1.02
C4 286 C . 0.06 10.53 0.97
C5 286 C . 0.07 10.52 2.36
C6 286 C . 1.02 11.27 3.06
#